data_7D0G
#
_entry.id   7D0G
#
_cell.length_a   1.00
_cell.length_b   1.00
_cell.length_c   1.00
_cell.angle_alpha   90.00
_cell.angle_beta   90.00
_cell.angle_gamma   90.00
#
_symmetry.space_group_name_H-M   'P 1'
#
loop_
_entity.id
_entity.type
_entity.pdbx_description
1 polymer 'RNA (714-MER)'
2 polymer 'Group II intron-encoded protein LtrA'
#
loop_
_entity_poly.entity_id
_entity_poly.type
_entity_poly.pdbx_seq_one_letter_code
_entity_poly.pdbx_strand_id
1 'polyribonucleotide'
;CACAUCCAUAACGUGCGCCCAGAUAGGGUGUUAAGUCAAGUAGUUUAAGGUACUACUCUGUAAGAUAACACAGAAAACAG
CCAACCUAACCGAAAAGCGAAAGCUGAUACGGGAACAGAGCACGGUUGGAAAGCGAUGAGUUACCUAAAGACAAUCGGGU
ACGACUGAGUCGCAAUGUUAAUCAGAUAUAAGGUAUAAGUUGUGUUUACUGAACGCAAGUUUCUAAUUUCGGUUAUGUGU
CGAUAGAGGAAAGUGUCUGAAACCUCUAGUACAAAGAAAGGUAAGUUAUGGUUGUGGACUUAUCUGUUAUCACCACAUUU
GUACAAUCUGUAGGAGAACCUAUGGGAACGAAACGAAAGCGAUGCCGAGAAUCUGAAUUUACCAAGACUUAACACUAACU
GGGGAUACCCUAAACAAGAAUGCCUAAUAGAAAGGAGGAAAAAGGCUAUAGCACUAGAGCUUGAAAAUCUUGCAAGGGUA
CGGAGUACUCGUAGUAGUCUGAGAAGGGUAACGCCCUUUACAUGGCAAAGGGGUACAGUUAUUGUGUACUAAAAUUAAAA
AUUGAUUAGGGAGGAAAACCUCAAAAUGAAACCAACAAUGGCAAUUUUAGAAAGAAUCAGUAAAAAUUCACAAGAAAAUA
UAGACGAAGUUUUUACAAGACUUUAUCGUUAUCUUUUACGUCCAGAUAUUUAUUACGUGGCGACGCGUUGGGAAAUGGCA
AUGAUAGCGAAACAACGUAAAACUCUUGUUGUAUGCUUUCAUUGUCAUCGUCACGUGAUUCAUAAACACAAGUGAAUUUU
UACGAACGAACAAUAACAGAAUCGUAUACUCCGAGAGGGGUACGUACGGUUCCCGAAGAGGGUGGUGCAAACCAGUCACA
GUAAUGUGAACAAGGCGGUACCUCCCUACUUCACCA
;
A
2 'polypeptide(L)'
;MKPTMAILERISKNSQENIDEVFTRLYRYLLRPDIYYVAYQNLYSNKGASTKGILDDTADGFSEEKIKKIIQSLKDGTYY
PQPVRRMYIAKKNSKKMRPLGIPTFTDKLIQEAVRIILESIYEPVFEDVSHGFRPQRSCHTALKTIKREFGGARWFVEGD
IKGCFDNIDHVTLIGLINLKIKDMKMSQLIYKFLKAGYLENWQYHKTYSGTPQGGILSPLLANIYLHELDKFVLQLKMKF
DRESPERITPEYRELHNEIKRISHRLKKLEGEEKAKVLLEYQEKRKRLPTLPCTSQTNKVLKYVRYADDFIISVKGSKED
CQWIKEQLKLFIHNKLKMELSEEKTLITHSSQPARFLGYDIRVRRSGTIKRSGKVKKRTLNGSVELLIPLQDKIRQFIFD
KKIAIQKKDSSWFPVHRKYLIRSTDLEIITIYNSELRGICNYYGLASNFNQLNYFAYLMEYSCLKTIASKHKGTLSKTIS
MFKDGSGSWGIPYEIKQGKQRRYFANFSECKSPYQFTDEISQAPVLYGYARNTLENRLKAKCCELCGTSDENTSYEIHHV
NKVKNLKGKEKWEMAMIAKQRKTLVVCFHCHRHVIHKHK
;
C
#
# COMPACT_ATOMS: atom_id res chain seq x y z
N THR B 4 15.18 1.62 29.81
CA THR B 4 14.94 0.69 28.72
C THR B 4 15.40 1.30 27.41
N MET B 5 14.46 1.86 26.66
CA MET B 5 14.74 2.59 25.43
C MET B 5 14.24 4.01 25.60
N ALA B 6 15.05 4.83 26.26
CA ALA B 6 14.95 6.28 26.15
C ALA B 6 16.12 6.82 25.35
N ILE B 7 16.84 5.93 24.65
CA ILE B 7 18.01 6.34 23.88
C ILE B 7 17.64 7.42 22.88
N LEU B 8 16.72 7.12 21.98
CA LEU B 8 16.25 8.15 21.08
C LEU B 8 15.39 9.19 21.79
N GLU B 9 14.65 8.79 22.82
CA GLU B 9 13.90 9.73 23.63
C GLU B 9 14.79 10.85 24.14
N ARG B 10 16.09 10.62 24.24
CA ARG B 10 17.06 11.65 24.58
C ARG B 10 17.78 12.21 23.37
N ILE B 11 18.19 11.35 22.44
CA ILE B 11 18.89 11.80 21.24
C ILE B 11 18.05 12.81 20.48
N SER B 12 16.93 12.36 19.93
CA SER B 12 16.14 13.20 19.06
C SER B 12 15.48 14.35 19.80
N LYS B 13 15.30 14.23 21.10
CA LYS B 13 14.57 15.23 21.88
C LYS B 13 15.42 16.48 22.16
N ASN B 14 16.52 16.31 22.90
CA ASN B 14 17.33 17.47 23.24
C ASN B 14 18.00 18.05 22.00
N SER B 15 18.55 17.19 21.16
CA SER B 15 18.89 17.47 19.77
C SER B 15 20.04 18.46 19.60
N GLN B 16 20.91 18.60 20.60
CA GLN B 16 22.13 19.40 20.45
C GLN B 16 21.82 20.86 20.16
N GLU B 17 21.22 21.51 21.16
CA GLU B 17 20.89 22.93 21.04
C GLU B 17 22.06 23.85 21.39
N ASN B 18 23.18 23.70 20.70
CA ASN B 18 24.21 24.75 20.77
C ASN B 18 23.60 26.07 20.34
N ILE B 19 23.13 26.10 19.14
CA ILE B 19 22.10 27.02 18.67
C ILE B 19 20.86 26.18 18.43
N ASP B 20 19.77 26.81 18.02
CA ASP B 20 18.54 26.04 17.91
C ASP B 20 18.65 24.95 16.85
N GLU B 21 17.55 24.21 16.71
CA GLU B 21 17.51 22.78 16.44
C GLU B 21 16.22 22.43 15.72
N VAL B 22 15.51 21.42 16.22
CA VAL B 22 14.28 20.81 15.72
C VAL B 22 13.26 21.86 15.24
N PHE B 23 13.76 23.05 14.90
CA PHE B 23 13.10 24.37 14.70
C PHE B 23 11.68 24.22 14.15
N THR B 24 11.33 23.11 13.52
CA THR B 24 9.97 23.02 13.01
C THR B 24 9.04 22.95 14.21
N ARG B 25 8.97 24.07 14.95
CA ARG B 25 8.48 24.14 16.32
C ARG B 25 7.24 24.99 16.47
N LEU B 26 7.06 26.01 15.62
CA LEU B 26 5.86 26.84 15.69
C LEU B 26 4.60 26.00 15.48
N TYR B 27 4.76 24.76 15.04
CA TYR B 27 3.65 23.82 14.94
C TYR B 27 3.92 22.57 15.77
N ARG B 28 5.17 22.39 16.22
CA ARG B 28 5.51 21.28 17.12
C ARG B 28 6.57 21.79 18.11
N TYR B 29 6.10 22.34 19.22
CA TYR B 29 6.99 22.78 20.29
C TYR B 29 6.69 22.08 21.60
N LEU B 30 5.41 21.94 21.93
CA LEU B 30 4.94 21.00 22.92
C LEU B 30 4.42 19.72 22.28
N LEU B 31 4.42 19.66 20.95
CA LEU B 31 4.19 18.40 20.28
C LEU B 31 5.37 17.46 20.43
N ARG B 32 6.46 17.93 20.99
CA ARG B 32 7.52 17.00 21.38
C ARG B 32 7.04 16.20 22.59
N PRO B 33 6.86 16.84 23.77
CA PRO B 33 6.65 16.05 24.99
C PRO B 33 5.40 15.20 24.97
N ASP B 34 4.40 15.53 24.16
CA ASP B 34 3.19 14.74 24.19
C ASP B 34 3.50 13.28 23.88
N ILE B 35 3.91 13.03 22.64
CA ILE B 35 4.25 11.68 22.23
C ILE B 35 5.53 11.24 22.90
N TYR B 36 6.38 12.19 23.28
CA TYR B 36 7.61 11.84 23.96
C TYR B 36 7.32 11.13 25.26
N TYR B 37 6.63 11.80 26.18
CA TYR B 37 6.21 11.20 27.43
C TYR B 37 5.25 10.05 27.21
N VAL B 38 4.55 10.01 26.09
CA VAL B 38 3.81 8.80 25.75
C VAL B 38 4.78 7.63 25.74
N ALA B 39 5.75 7.68 24.83
CA ALA B 39 6.72 6.58 24.71
C ALA B 39 7.47 6.36 26.01
N TYR B 40 7.78 7.45 26.72
CA TYR B 40 8.35 7.39 28.06
C TYR B 40 7.62 6.38 28.92
N GLN B 41 6.31 6.25 28.75
CA GLN B 41 5.56 5.25 29.49
C GLN B 41 4.75 4.36 28.56
N ASN B 42 4.82 4.59 27.25
CA ASN B 42 4.25 3.64 26.31
C ASN B 42 5.25 2.53 26.07
N LEU B 43 6.42 2.90 25.54
CA LEU B 43 7.50 1.96 25.36
C LEU B 43 8.46 2.01 26.53
N TYR B 44 8.99 3.19 26.82
CA TYR B 44 10.11 3.31 27.76
C TYR B 44 9.65 3.07 29.20
N SER B 45 8.40 2.63 29.38
CA SER B 45 7.81 2.47 30.71
C SER B 45 8.70 1.52 31.52
N ASN B 46 8.73 0.23 31.20
CA ASN B 46 9.72 -0.67 31.80
C ASN B 46 10.10 -1.78 30.83
N LYS B 47 9.65 -1.67 29.58
CA LYS B 47 9.61 -2.83 28.70
C LYS B 47 11.00 -3.36 28.39
N GLY B 48 11.11 -4.68 28.39
CA GLY B 48 12.19 -5.35 27.70
C GLY B 48 11.63 -6.13 26.53
N ALA B 49 10.39 -6.60 26.68
CA ALA B 49 9.80 -7.55 25.75
C ALA B 49 8.33 -7.29 25.42
N SER B 50 7.95 -6.07 25.07
CA SER B 50 6.51 -5.82 24.94
C SER B 50 6.12 -4.68 23.99
N THR B 51 4.85 -4.28 24.08
CA THR B 51 4.26 -3.09 23.46
C THR B 51 4.11 -3.21 21.94
N LYS B 52 4.68 -4.24 21.33
CA LYS B 52 4.46 -4.56 19.92
C LYS B 52 5.17 -5.88 19.62
N GLY B 53 4.59 -6.65 18.71
CA GLY B 53 5.20 -7.91 18.34
C GLY B 53 4.26 -9.10 18.26
N ILE B 54 4.62 -10.17 18.97
CA ILE B 54 4.03 -11.48 18.69
C ILE B 54 2.76 -11.70 19.51
N LEU B 55 2.78 -11.39 20.80
CA LEU B 55 1.69 -11.79 21.68
C LEU B 55 0.44 -10.96 21.41
N ASP B 56 -0.12 -11.15 20.21
CA ASP B 56 -1.40 -10.66 19.73
C ASP B 56 -1.39 -9.16 19.47
N ASP B 57 -0.42 -8.44 20.03
CA ASP B 57 0.10 -7.22 19.43
C ASP B 57 1.58 -7.15 19.72
N THR B 58 1.98 -7.81 20.80
CA THR B 58 3.14 -7.39 21.58
C THR B 58 4.22 -8.46 21.60
N ALA B 59 5.44 -8.03 21.89
CA ALA B 59 6.57 -8.95 21.98
C ALA B 59 6.35 -9.93 23.14
N ASP B 60 6.98 -11.09 23.03
CA ASP B 60 6.83 -12.12 24.06
C ASP B 60 7.90 -11.96 25.14
N GLY B 61 7.54 -12.24 26.39
CA GLY B 61 8.47 -12.08 27.49
C GLY B 61 9.20 -13.34 27.85
N PHE B 62 9.72 -14.05 26.84
CA PHE B 62 10.41 -15.32 27.08
C PHE B 62 11.64 -15.13 27.96
N SER B 63 12.54 -14.23 27.59
CA SER B 63 13.69 -13.87 28.43
C SER B 63 13.64 -12.39 28.82
N GLU B 64 12.45 -11.80 28.82
CA GLU B 64 12.24 -10.37 29.03
C GLU B 64 12.93 -9.53 27.95
N GLU B 65 13.55 -10.18 26.97
CA GLU B 65 14.16 -9.55 25.80
C GLU B 65 14.95 -8.31 26.19
N LYS B 66 15.52 -8.37 27.38
CA LYS B 66 16.31 -7.29 27.93
C LYS B 66 17.79 -7.39 27.57
N ILE B 67 18.19 -8.46 26.87
CA ILE B 67 19.57 -8.69 26.49
C ILE B 67 20.14 -7.46 25.78
N LYS B 68 19.26 -6.65 25.20
CA LYS B 68 19.66 -5.35 24.70
C LYS B 68 18.71 -4.27 25.18
N LYS B 69 17.40 -4.59 25.18
CA LYS B 69 16.37 -3.56 25.23
C LYS B 69 16.59 -2.56 26.36
N ILE B 70 16.69 -3.04 27.59
CA ILE B 70 17.02 -2.16 28.69
C ILE B 70 18.40 -1.57 28.45
N ILE B 71 19.36 -2.44 28.11
CA ILE B 71 20.74 -2.01 27.92
C ILE B 71 20.91 -1.70 26.44
N GLN B 72 20.37 -0.56 26.03
CA GLN B 72 20.74 0.04 24.77
C GLN B 72 21.40 1.40 24.91
N SER B 73 21.89 1.75 26.10
CA SER B 73 22.57 3.01 26.34
C SER B 73 23.66 3.22 25.30
N LEU B 74 24.26 2.12 24.84
CA LEU B 74 25.08 2.14 23.63
C LEU B 74 24.76 0.87 22.84
N LYS B 75 23.46 0.53 22.84
CA LYS B 75 22.79 -0.36 21.89
C LYS B 75 23.33 -1.78 21.90
N ASP B 76 24.43 -1.99 22.59
CA ASP B 76 25.20 -3.23 22.69
C ASP B 76 25.80 -3.58 21.34
N GLY B 77 25.18 -3.06 20.27
CA GLY B 77 25.77 -2.68 19.01
C GLY B 77 26.96 -3.34 18.35
N THR B 78 27.71 -2.47 17.66
CA THR B 78 29.06 -2.60 17.12
C THR B 78 29.24 -3.48 15.89
N TYR B 79 28.29 -4.33 15.51
CA TYR B 79 28.43 -4.97 14.21
C TYR B 79 27.15 -5.13 13.40
N TYR B 80 26.04 -5.51 14.03
CA TYR B 80 24.88 -6.09 13.34
C TYR B 80 25.29 -7.03 12.22
N PRO B 81 25.87 -8.21 12.51
CA PRO B 81 26.23 -9.13 11.42
C PRO B 81 25.03 -9.52 10.57
N GLN B 82 24.03 -10.17 11.18
CA GLN B 82 22.67 -10.31 10.67
C GLN B 82 22.62 -10.52 9.16
N PRO B 83 22.87 -11.75 8.67
CA PRO B 83 22.93 -11.98 7.22
C PRO B 83 21.73 -11.40 6.46
N VAL B 84 22.02 -10.47 5.58
CA VAL B 84 20.99 -9.63 4.94
C VAL B 84 20.70 -10.15 3.55
N ARG B 85 19.43 -10.08 3.15
CA ARG B 85 19.03 -10.41 1.78
C ARG B 85 18.07 -9.34 1.25
N ARG B 86 17.45 -9.62 0.10
CA ARG B 86 16.63 -8.65 -0.62
C ARG B 86 15.15 -9.05 -0.54
N MET B 87 14.28 -8.05 -0.39
CA MET B 87 12.89 -8.41 -0.13
C MET B 87 11.95 -7.26 -0.46
N TYR B 88 11.13 -7.44 -1.51
CA TYR B 88 10.02 -6.54 -1.79
C TYR B 88 8.86 -7.42 -2.24
N ILE B 89 7.76 -7.42 -1.49
CA ILE B 89 6.60 -8.26 -1.80
C ILE B 89 5.51 -7.42 -2.44
N ALA B 90 5.11 -7.81 -3.64
CA ALA B 90 4.00 -7.15 -4.31
C ALA B 90 2.70 -7.31 -3.52
N LYS B 91 1.71 -6.50 -3.86
CA LYS B 91 0.40 -6.52 -3.22
C LYS B 91 -0.65 -6.90 -4.26
N LYS B 92 -1.60 -7.75 -3.85
CA LYS B 92 -2.53 -8.33 -4.81
C LYS B 92 -3.37 -7.25 -5.51
N ASN B 93 -4.17 -6.51 -4.75
CA ASN B 93 -5.00 -5.49 -5.32
C ASN B 93 -4.34 -4.14 -5.16
N SER B 94 -4.50 -3.28 -6.17
CA SER B 94 -4.01 -1.92 -6.08
C SER B 94 -2.51 -1.91 -5.82
N LYS B 95 -1.77 -2.35 -6.86
CA LYS B 95 -0.37 -2.72 -6.77
C LYS B 95 0.45 -1.69 -6.00
N LYS B 96 0.89 -2.07 -4.80
CA LYS B 96 1.74 -1.26 -3.94
C LYS B 96 2.55 -2.25 -3.13
N MET B 97 3.76 -2.55 -3.59
CA MET B 97 4.53 -3.63 -3.00
C MET B 97 4.69 -3.44 -1.50
N ARG B 98 4.66 -4.56 -0.78
CA ARG B 98 4.78 -4.58 0.67
C ARG B 98 5.99 -5.42 1.06
N PRO B 99 7.19 -4.85 1.00
CA PRO B 99 8.39 -5.61 1.37
C PRO B 99 8.33 -6.13 2.80
N LEU B 100 9.18 -7.12 3.07
CA LEU B 100 9.33 -7.74 4.39
C LEU B 100 10.83 -7.90 4.64
N GLY B 101 11.17 -8.73 5.63
CA GLY B 101 12.56 -8.94 5.99
C GLY B 101 12.86 -10.30 6.58
N ILE B 102 13.68 -10.34 7.62
CA ILE B 102 14.04 -11.59 8.31
C ILE B 102 13.54 -11.49 9.75
N PRO B 103 12.71 -12.42 10.21
CA PRO B 103 12.18 -12.32 11.58
C PRO B 103 13.20 -12.75 12.61
N THR B 104 13.77 -11.78 13.33
CA THR B 104 14.63 -12.04 14.47
C THR B 104 14.11 -11.21 15.62
N PHE B 105 14.10 -11.79 16.83
CA PHE B 105 13.73 -11.01 18.00
C PHE B 105 14.49 -9.69 18.04
N THR B 106 15.74 -9.70 17.58
CA THR B 106 16.47 -8.46 17.37
C THR B 106 15.71 -7.56 16.42
N ASP B 107 15.45 -8.05 15.22
CA ASP B 107 14.63 -7.30 14.27
C ASP B 107 13.23 -7.11 14.81
N LYS B 108 12.72 -8.09 15.57
CA LYS B 108 11.39 -7.98 16.14
C LYS B 108 11.35 -7.10 17.37
N LEU B 109 12.42 -6.36 17.64
CA LEU B 109 12.34 -5.22 18.54
C LEU B 109 12.77 -3.93 17.84
N ILE B 110 13.71 -4.05 16.90
CA ILE B 110 13.99 -2.95 15.97
C ILE B 110 12.70 -2.48 15.34
N GLN B 111 11.75 -3.39 15.18
CA GLN B 111 10.43 -3.04 14.66
C GLN B 111 9.75 -1.97 15.51
N GLU B 112 9.69 -2.18 16.83
CA GLU B 112 9.05 -1.13 17.62
C GLU B 112 9.96 0.08 17.74
N ALA B 113 11.28 -0.12 17.70
CA ALA B 113 12.19 1.02 17.71
C ALA B 113 11.85 1.98 16.58
N VAL B 114 11.80 1.47 15.36
CA VAL B 114 11.42 2.28 14.22
C VAL B 114 9.96 2.70 14.27
N ARG B 115 9.09 1.92 14.90
CA ARG B 115 7.75 2.43 15.19
C ARG B 115 7.84 3.76 15.93
N ILE B 116 8.69 3.81 16.94
CA ILE B 116 8.82 5.00 17.77
C ILE B 116 9.44 6.10 16.95
N ILE B 117 10.46 5.78 16.16
CA ILE B 117 11.06 6.83 15.36
C ILE B 117 10.04 7.33 14.34
N LEU B 118 9.11 6.48 13.93
CA LEU B 118 7.98 6.94 13.14
C LEU B 118 7.27 8.01 13.92
N GLU B 119 6.74 7.64 15.09
CA GLU B 119 5.94 8.59 15.85
C GLU B 119 6.71 9.89 16.03
N SER B 120 8.03 9.80 16.17
CA SER B 120 8.89 10.97 16.18
C SER B 120 8.68 11.76 14.91
N ILE B 121 8.95 11.12 13.76
CA ILE B 121 8.79 11.83 12.50
C ILE B 121 7.32 11.88 12.11
N TYR B 122 6.45 11.25 12.88
CA TYR B 122 5.04 11.20 12.50
C TYR B 122 4.41 12.58 12.60
N GLU B 123 4.40 13.15 13.79
CA GLU B 123 3.71 14.41 14.05
C GLU B 123 4.20 15.59 13.20
N PRO B 124 5.47 15.61 12.72
CA PRO B 124 5.86 16.66 11.78
C PRO B 124 5.24 16.54 10.41
N VAL B 125 5.73 17.34 9.46
CA VAL B 125 5.05 17.57 8.19
C VAL B 125 4.81 16.29 7.37
N PHE B 126 5.35 15.15 7.79
CA PHE B 126 4.86 13.88 7.27
C PHE B 126 3.34 13.86 7.35
N GLU B 127 2.71 13.23 6.36
CA GLU B 127 1.27 13.16 6.31
C GLU B 127 0.84 11.83 5.69
N ASP B 128 -0.26 11.28 6.21
CA ASP B 128 -0.84 10.08 5.63
C ASP B 128 0.09 8.86 5.65
N VAL B 129 0.18 8.18 6.78
CA VAL B 129 0.62 6.80 6.75
C VAL B 129 -0.24 6.15 5.68
N SER B 130 0.19 5.00 5.15
CA SER B 130 0.23 4.71 3.71
C SER B 130 -0.85 5.32 2.82
N HIS B 131 -0.55 5.36 1.53
CA HIS B 131 -0.80 6.41 0.54
C HIS B 131 -2.17 7.09 0.48
N GLY B 132 -2.17 8.27 -0.15
CA GLY B 132 -3.30 9.16 -0.28
C GLY B 132 -2.89 10.54 0.23
N PHE B 133 -3.08 11.62 -0.53
CA PHE B 133 -2.56 12.89 -0.05
C PHE B 133 -3.21 13.27 1.28
N ARG B 134 -4.52 13.08 1.37
CA ARG B 134 -5.20 13.25 2.64
C ARG B 134 -4.63 12.26 3.65
N PRO B 135 -4.51 12.66 4.91
CA PRO B 135 -4.07 11.72 5.94
C PRO B 135 -4.97 10.50 5.98
N GLN B 136 -4.45 9.35 5.57
CA GLN B 136 -5.18 8.10 5.59
C GLN B 136 -4.39 7.07 6.36
N ARG B 137 -4.93 5.85 6.38
CA ARG B 137 -4.20 4.66 6.77
C ARG B 137 -4.46 3.50 5.82
N SER B 138 -5.67 3.46 5.24
CA SER B 138 -6.07 2.33 4.42
C SER B 138 -5.87 2.64 2.94
N CYS B 139 -5.79 1.60 2.13
CA CYS B 139 -6.02 1.70 0.70
C CYS B 139 -7.45 2.08 0.37
N HIS B 140 -8.42 1.50 1.07
CA HIS B 140 -9.82 1.70 0.73
C HIS B 140 -10.18 3.18 0.69
N THR B 141 -9.67 3.95 1.64
CA THR B 141 -9.86 5.39 1.58
C THR B 141 -9.12 5.97 0.38
N ALA B 142 -7.86 5.59 0.23
CA ALA B 142 -7.19 5.88 -1.03
C ALA B 142 -7.97 5.34 -2.21
N LEU B 143 -8.63 4.19 -2.02
CA LEU B 143 -9.35 3.57 -3.13
C LEU B 143 -10.49 4.45 -3.61
N LYS B 144 -11.21 5.08 -2.68
CA LYS B 144 -12.47 5.73 -3.03
C LYS B 144 -12.41 7.24 -2.99
N THR B 145 -11.97 7.83 -1.89
CA THR B 145 -12.23 9.22 -1.61
C THR B 145 -11.74 10.18 -2.69
N ILE B 146 -10.42 10.21 -2.88
CA ILE B 146 -9.77 11.30 -3.59
C ILE B 146 -10.30 11.52 -4.99
N LYS B 147 -10.86 10.49 -5.61
CA LYS B 147 -10.82 10.42 -7.07
C LYS B 147 -11.96 11.19 -7.71
N ARG B 148 -13.20 10.83 -7.40
CA ARG B 148 -14.37 11.45 -8.02
C ARG B 148 -14.36 12.95 -7.82
N GLU B 149 -13.61 13.40 -6.81
CA GLU B 149 -13.64 14.81 -6.45
C GLU B 149 -13.16 15.69 -7.59
N PHE B 150 -12.29 15.15 -8.44
CA PHE B 150 -11.67 15.94 -9.48
C PHE B 150 -11.51 15.09 -10.73
N GLY B 151 -11.06 15.73 -11.80
CA GLY B 151 -10.93 15.06 -13.08
C GLY B 151 -11.81 15.69 -14.13
N GLY B 152 -12.72 16.56 -13.70
CA GLY B 152 -13.54 17.29 -14.65
C GLY B 152 -12.71 18.00 -15.71
N ALA B 153 -11.51 18.43 -15.36
CA ALA B 153 -10.58 18.95 -16.35
C ALA B 153 -10.04 17.78 -17.17
N ARG B 154 -10.14 17.89 -18.49
CA ARG B 154 -9.76 16.82 -19.38
C ARG B 154 -8.24 16.78 -19.50
N TRP B 155 -7.75 16.05 -20.50
CA TRP B 155 -6.37 16.19 -20.96
C TRP B 155 -5.37 15.70 -19.90
N PHE B 156 -5.84 14.78 -19.07
CA PHE B 156 -5.13 14.44 -17.83
C PHE B 156 -4.10 13.33 -18.04
N VAL B 157 -3.30 13.10 -17.00
CA VAL B 157 -2.12 12.24 -17.04
C VAL B 157 -2.02 11.52 -15.69
N GLU B 158 -1.11 10.56 -15.58
CA GLU B 158 -0.83 9.85 -14.34
C GLU B 158 0.69 9.65 -14.19
N GLY B 159 1.07 8.76 -13.27
CA GLY B 159 2.45 8.44 -13.01
C GLY B 159 2.77 6.96 -13.22
N ASP B 160 4.05 6.69 -13.46
CA ASP B 160 4.45 5.29 -13.64
C ASP B 160 5.77 4.89 -12.99
N ILE B 161 6.64 5.85 -12.67
CA ILE B 161 8.03 5.52 -12.31
C ILE B 161 8.06 4.43 -11.26
N LYS B 162 8.74 3.32 -11.57
CA LYS B 162 8.96 2.29 -10.56
C LYS B 162 9.67 2.88 -9.36
N GLY B 163 10.94 3.26 -9.53
CA GLY B 163 11.60 4.24 -8.71
C GLY B 163 11.50 4.10 -7.20
N CYS B 164 10.92 3.01 -6.71
CA CYS B 164 10.66 2.86 -5.29
C CYS B 164 11.68 1.96 -4.61
N PHE B 165 11.76 0.71 -5.03
CA PHE B 165 12.68 -0.25 -4.45
C PHE B 165 13.86 -0.49 -5.36
N ASP B 166 13.72 -0.12 -6.63
CA ASP B 166 14.86 0.12 -7.52
C ASP B 166 15.60 1.39 -7.15
N ASN B 167 14.94 2.54 -7.17
CA ASN B 167 15.54 3.80 -6.74
C ASN B 167 15.50 3.96 -5.24
N ILE B 168 15.99 2.99 -4.49
CA ILE B 168 16.24 3.20 -3.09
C ILE B 168 17.56 3.98 -3.02
N ASP B 169 17.44 5.30 -3.15
CA ASP B 169 18.59 6.12 -3.48
C ASP B 169 19.68 5.98 -2.42
N HIS B 170 19.29 5.88 -1.16
CA HIS B 170 20.17 5.63 -0.04
C HIS B 170 21.21 6.71 0.13
N VAL B 171 21.18 7.76 -0.70
CA VAL B 171 22.04 8.91 -0.49
C VAL B 171 21.14 10.09 -0.19
N THR B 172 20.19 10.37 -1.08
CA THR B 172 19.11 11.29 -0.73
C THR B 172 18.34 10.77 0.46
N LEU B 173 18.31 9.44 0.63
CA LEU B 173 17.65 8.81 1.76
C LEU B 173 18.21 9.38 3.05
N ILE B 174 19.46 9.07 3.34
CA ILE B 174 20.09 9.53 4.58
C ILE B 174 20.37 11.02 4.57
N GLY B 175 20.23 11.67 3.42
CA GLY B 175 20.26 13.12 3.41
C GLY B 175 18.96 13.76 3.84
N LEU B 176 17.85 13.02 3.76
CA LEU B 176 16.55 13.57 4.10
C LEU B 176 15.80 12.82 5.18
N ILE B 177 16.43 11.85 5.85
CA ILE B 177 15.73 11.15 6.92
C ILE B 177 15.42 12.08 8.10
N ASN B 178 16.45 12.61 8.76
CA ASN B 178 16.28 13.25 10.05
C ASN B 178 16.86 14.66 10.12
N LEU B 179 16.55 15.52 9.15
CA LEU B 179 17.22 16.82 9.07
C LEU B 179 17.06 17.61 10.35
N LYS B 180 15.82 18.00 10.67
CA LYS B 180 15.58 18.75 11.90
C LYS B 180 15.56 17.83 13.11
N ILE B 181 15.76 16.53 12.91
CA ILE B 181 15.65 15.60 14.03
C ILE B 181 17.04 15.19 14.50
N LYS B 182 17.98 15.04 13.57
CA LYS B 182 19.36 14.76 13.94
C LYS B 182 19.91 15.91 14.78
N ASP B 183 20.35 15.58 15.99
CA ASP B 183 20.99 16.56 16.85
C ASP B 183 22.16 17.19 16.12
N MET B 184 22.13 18.53 15.98
CA MET B 184 23.10 19.21 15.11
C MET B 184 24.50 18.69 15.31
N LYS B 185 24.80 18.18 16.49
CA LYS B 185 26.01 17.42 16.76
C LYS B 185 25.63 16.28 17.70
N MET B 186 26.37 15.17 17.62
CA MET B 186 26.15 14.00 18.45
C MET B 186 24.71 13.50 18.36
N SER B 187 24.37 13.04 17.16
CA SER B 187 23.18 12.22 16.94
C SER B 187 23.63 11.07 16.05
N GLN B 188 24.11 10.02 16.64
CA GLN B 188 24.60 8.91 15.83
C GLN B 188 24.06 7.57 16.29
N LEU B 189 23.72 7.45 17.56
CA LEU B 189 23.28 6.16 18.12
C LEU B 189 21.81 5.96 17.76
N ILE B 190 21.51 6.14 16.48
CA ILE B 190 20.16 5.95 15.96
C ILE B 190 20.27 5.05 14.75
N TYR B 191 21.01 5.52 13.77
CA TYR B 191 21.06 4.99 12.43
C TYR B 191 22.32 4.17 12.17
N LYS B 192 23.28 4.18 13.10
CA LYS B 192 24.37 3.22 12.99
C LYS B 192 23.82 1.80 12.93
N PHE B 193 22.70 1.55 13.59
CA PHE B 193 21.96 0.31 13.47
C PHE B 193 20.64 0.47 12.73
N LEU B 194 20.57 1.40 11.77
CA LEU B 194 19.57 1.38 10.73
C LEU B 194 20.25 1.23 9.37
N LYS B 195 21.54 1.56 9.34
CA LYS B 195 22.36 1.47 8.15
C LYS B 195 23.06 0.11 8.11
N ALA B 196 22.30 -0.98 8.22
CA ALA B 196 22.90 -2.22 8.69
C ALA B 196 22.58 -3.43 7.80
N GLY B 197 22.79 -3.30 6.49
CA GLY B 197 22.72 -4.45 5.59
C GLY B 197 24.01 -5.22 5.40
N TYR B 198 24.43 -6.02 6.38
CA TYR B 198 25.69 -6.74 6.31
C TYR B 198 25.52 -8.13 5.68
N LEU B 199 26.58 -8.68 5.09
CA LEU B 199 26.48 -10.00 4.47
C LEU B 199 27.84 -10.69 4.42
N GLU B 200 27.88 -11.89 3.84
CA GLU B 200 29.11 -12.65 3.56
C GLU B 200 28.86 -13.53 2.34
N ASN B 201 29.12 -12.99 1.16
CA ASN B 201 29.11 -13.74 -0.09
C ASN B 201 30.22 -13.28 -1.01
N TRP B 202 31.25 -12.64 -0.46
CA TRP B 202 32.27 -11.90 -1.19
C TRP B 202 31.69 -10.66 -1.86
N GLN B 203 30.52 -10.21 -1.40
CA GLN B 203 29.86 -9.02 -1.91
C GLN B 203 29.22 -8.29 -0.74
N TYR B 204 28.48 -7.21 -1.01
CA TYR B 204 27.89 -6.34 0.01
C TYR B 204 26.77 -5.48 -0.57
N HIS B 205 25.77 -5.21 0.27
CA HIS B 205 24.70 -4.24 0.02
C HIS B 205 24.00 -3.91 1.34
N LYS B 206 24.05 -2.63 1.73
CA LYS B 206 23.73 -2.22 3.09
C LYS B 206 22.36 -1.57 3.18
N THR B 207 21.80 -1.63 4.40
CA THR B 207 20.84 -0.69 4.97
C THR B 207 19.40 -0.76 4.48
N TYR B 208 19.13 -1.34 3.32
CA TYR B 208 17.77 -1.65 2.92
C TYR B 208 17.74 -2.40 1.59
N SER B 209 17.07 -3.54 1.57
CA SER B 209 16.38 -3.96 0.35
C SER B 209 15.13 -4.70 0.76
N GLY B 210 14.64 -4.41 1.96
CA GLY B 210 13.82 -5.35 2.68
C GLY B 210 14.64 -6.26 3.57
N THR B 211 15.62 -5.74 4.22
CA THR B 211 16.78 -6.06 5.04
C THR B 211 16.37 -6.41 6.47
N PRO B 212 16.95 -7.46 7.06
CA PRO B 212 16.70 -7.71 8.50
C PRO B 212 17.04 -6.52 9.37
N GLN B 213 17.75 -5.53 8.83
CA GLN B 213 17.76 -4.19 9.39
C GLN B 213 16.66 -3.32 8.80
N GLY B 214 16.34 -3.50 7.52
CA GLY B 214 15.44 -2.65 6.78
C GLY B 214 14.28 -3.36 6.10
N GLY B 215 13.62 -4.30 6.78
CA GLY B 215 12.65 -5.13 6.11
C GLY B 215 11.24 -4.59 5.93
N ILE B 216 10.57 -4.24 7.01
CA ILE B 216 9.14 -3.94 6.95
C ILE B 216 8.89 -2.45 7.16
N LEU B 217 9.96 -1.68 7.11
CA LEU B 217 9.92 -0.27 7.51
C LEU B 217 10.04 0.69 6.35
N SER B 218 10.36 0.16 5.18
CA SER B 218 10.25 0.89 3.93
C SER B 218 8.94 1.66 3.84
N PRO B 219 7.79 1.16 4.37
CA PRO B 219 6.60 2.02 4.39
C PRO B 219 6.95 3.40 4.89
N LEU B 220 7.36 3.45 6.15
CA LEU B 220 7.84 4.67 6.77
C LEU B 220 8.81 5.39 5.86
N LEU B 221 9.91 4.72 5.56
CA LEU B 221 11.06 5.41 5.00
C LEU B 221 10.75 5.94 3.62
N ALA B 222 10.35 5.06 2.70
CA ALA B 222 9.98 5.48 1.37
C ALA B 222 8.87 6.51 1.37
N ASN B 223 7.89 6.36 2.26
CA ASN B 223 6.86 7.38 2.35
C ASN B 223 7.47 8.74 2.58
N ILE B 224 8.43 8.81 3.49
CA ILE B 224 9.17 10.07 3.66
C ILE B 224 9.84 10.46 2.36
N TYR B 225 10.70 9.56 1.87
CA TYR B 225 11.49 9.70 0.65
C TYR B 225 10.67 10.44 -0.38
N LEU B 226 9.44 10.00 -0.56
CA LEU B 226 8.56 10.68 -1.49
C LEU B 226 8.00 11.96 -0.89
N HIS B 227 7.73 11.98 0.42
CA HIS B 227 6.99 13.08 1.02
C HIS B 227 7.68 14.41 0.80
N GLU B 228 8.98 14.45 1.09
CA GLU B 228 9.70 15.69 0.86
C GLU B 228 9.55 16.15 -0.59
N LEU B 229 9.71 15.22 -1.52
CA LEU B 229 9.40 15.51 -2.92
C LEU B 229 8.04 16.16 -3.05
N ASP B 230 7.00 15.46 -2.59
CA ASP B 230 5.64 15.93 -2.79
C ASP B 230 5.47 17.34 -2.24
N LYS B 231 6.25 17.72 -1.24
CA LYS B 231 6.11 19.07 -0.69
C LYS B 231 6.33 20.13 -1.75
N PHE B 232 7.56 20.20 -2.26
CA PHE B 232 7.81 21.18 -3.31
C PHE B 232 7.03 20.86 -4.55
N VAL B 233 6.67 19.59 -4.74
CA VAL B 233 5.78 19.24 -5.83
C VAL B 233 4.50 20.04 -5.75
N LEU B 234 3.89 20.08 -4.56
CA LEU B 234 2.65 20.82 -4.39
C LEU B 234 2.90 22.31 -4.51
N GLN B 235 4.05 22.79 -4.04
CA GLN B 235 4.29 24.23 -4.14
C GLN B 235 4.38 24.65 -5.60
N LEU B 236 5.13 23.90 -6.41
CA LEU B 236 5.15 24.22 -7.84
C LEU B 236 3.80 23.93 -8.47
N LYS B 237 3.08 22.97 -7.91
CA LYS B 237 1.74 22.65 -8.38
C LYS B 237 0.85 23.88 -8.34
N MET B 238 0.77 24.51 -7.18
CA MET B 238 0.00 25.74 -7.09
C MET B 238 0.64 26.84 -7.93
N LYS B 239 1.97 26.89 -7.98
CA LYS B 239 2.65 27.86 -8.82
C LYS B 239 2.16 27.81 -10.26
N PHE B 240 1.78 26.64 -10.75
CA PHE B 240 1.20 26.52 -12.08
C PHE B 240 -0.32 26.42 -12.09
N ASP B 241 -0.96 26.22 -10.94
CA ASP B 241 -2.41 26.03 -10.90
C ASP B 241 -3.10 27.39 -11.09
N ARG B 242 -2.94 27.92 -12.30
CA ARG B 242 -3.52 29.20 -12.67
C ARG B 242 -4.25 29.15 -13.99
N GLU B 243 -4.04 28.11 -14.79
CA GLU B 243 -4.99 27.67 -15.80
C GLU B 243 -5.24 26.16 -15.77
N SER B 244 -4.39 25.37 -15.11
CA SER B 244 -4.75 24.00 -14.82
C SER B 244 -6.07 23.89 -14.08
N PRO B 245 -6.51 24.88 -13.31
CA PRO B 245 -7.94 24.95 -12.96
C PRO B 245 -8.73 25.91 -13.83
N GLU B 246 -8.13 26.51 -14.87
CA GLU B 246 -8.78 27.61 -15.59
C GLU B 246 -8.64 27.51 -17.10
N ARG B 247 -7.94 26.51 -17.64
CA ARG B 247 -7.79 26.37 -19.08
C ARG B 247 -8.88 25.51 -19.70
N ILE B 248 -9.06 24.29 -19.20
CA ILE B 248 -9.93 23.33 -19.86
C ILE B 248 -11.40 23.65 -19.59
N THR B 249 -11.64 24.48 -18.58
CA THR B 249 -12.96 24.77 -18.04
C THR B 249 -14.02 25.24 -19.03
N PRO B 250 -13.74 26.18 -19.97
CA PRO B 250 -14.85 26.81 -20.72
C PRO B 250 -15.74 25.84 -21.46
N GLU B 251 -17.00 25.77 -21.05
CA GLU B 251 -17.99 24.90 -21.68
C GLU B 251 -19.05 25.71 -22.41
N LYS B 302 -2.50 20.33 -11.82
CA LYS B 302 -2.48 20.06 -10.39
C LYS B 302 -2.14 18.59 -10.14
N TYR B 303 -2.02 18.17 -8.88
CA TYR B 303 -1.51 16.85 -8.56
C TYR B 303 -2.00 16.44 -7.18
N VAL B 304 -1.92 15.15 -6.90
CA VAL B 304 -2.21 14.56 -5.60
C VAL B 304 -1.21 13.43 -5.36
N ARG B 305 -0.80 13.25 -4.11
CA ARG B 305 0.32 12.36 -3.82
C ARG B 305 -0.14 11.06 -3.15
N TYR B 306 0.66 10.02 -3.36
CA TYR B 306 0.37 8.63 -3.00
C TYR B 306 1.69 7.94 -2.69
N ALA B 307 1.70 6.61 -2.78
CA ALA B 307 2.91 5.81 -2.53
C ALA B 307 3.58 5.33 -3.82
N ASP B 308 2.83 4.75 -4.74
CA ASP B 308 3.44 4.14 -5.91
C ASP B 308 3.07 4.82 -7.21
N ASP B 309 1.78 4.98 -7.49
CA ASP B 309 1.35 5.69 -8.69
C ASP B 309 0.74 7.03 -8.28
N PHE B 310 0.62 7.93 -9.25
CA PHE B 310 0.34 9.33 -8.93
C PHE B 310 -0.49 9.96 -10.04
N ILE B 311 -1.62 10.52 -9.66
CA ILE B 311 -2.45 11.26 -10.59
C ILE B 311 -1.79 12.59 -10.94
N ILE B 312 -2.32 13.22 -11.96
CA ILE B 312 -2.17 14.65 -12.19
C ILE B 312 -3.53 15.27 -11.97
N SER B 313 -3.66 16.04 -10.89
CA SER B 313 -4.93 16.69 -10.56
C SER B 313 -5.12 17.90 -11.45
N VAL B 314 -6.05 18.78 -11.08
CA VAL B 314 -6.82 19.62 -11.99
C VAL B 314 -5.99 20.11 -13.17
N LYS B 315 -6.52 19.91 -14.37
CA LYS B 315 -5.76 19.96 -15.61
C LYS B 315 -6.08 21.20 -16.44
N GLY B 316 -5.05 21.75 -17.07
CA GLY B 316 -5.25 22.76 -18.07
C GLY B 316 -4.19 22.64 -19.14
N SER B 317 -4.61 22.53 -20.40
CA SER B 317 -3.66 22.54 -21.50
C SER B 317 -2.64 21.41 -21.41
N LYS B 318 -3.09 20.17 -21.65
CA LYS B 318 -2.16 19.05 -21.80
C LYS B 318 -0.93 19.44 -22.62
N GLU B 319 -1.08 20.45 -23.47
CA GLU B 319 0.04 21.15 -24.07
C GLU B 319 1.05 21.58 -23.01
N ASP B 320 0.66 21.47 -21.72
CA ASP B 320 1.58 21.60 -20.61
C ASP B 320 1.73 20.33 -19.79
N CYS B 321 0.95 19.28 -20.08
CA CYS B 321 1.19 18.00 -19.42
C CYS B 321 2.65 17.60 -19.51
N GLN B 322 3.25 17.80 -20.68
CA GLN B 322 4.69 17.68 -20.82
C GLN B 322 5.38 18.48 -19.74
N TRP B 323 5.15 19.80 -19.71
CA TRP B 323 5.73 20.67 -18.68
C TRP B 323 5.76 19.96 -17.35
N ILE B 324 4.61 19.45 -16.95
CA ILE B 324 4.51 18.72 -15.69
C ILE B 324 5.54 17.61 -15.67
N LYS B 325 5.44 16.69 -16.64
CA LYS B 325 6.21 15.45 -16.56
C LYS B 325 7.70 15.70 -16.66
N GLU B 326 8.11 16.59 -17.55
CA GLU B 326 9.53 16.92 -17.69
C GLU B 326 10.05 17.58 -16.42
N GLN B 327 9.31 18.53 -15.87
CA GLN B 327 9.71 19.13 -14.61
C GLN B 327 9.89 18.05 -13.56
N LEU B 328 8.90 17.17 -13.45
CA LEU B 328 8.98 16.00 -12.60
C LEU B 328 10.32 15.31 -12.77
N LYS B 329 10.55 14.81 -13.99
CA LYS B 329 11.78 14.08 -14.27
C LYS B 329 13.00 14.82 -13.76
N LEU B 330 13.18 16.07 -14.18
CA LEU B 330 14.28 16.90 -13.70
C LEU B 330 14.36 16.80 -12.19
N PHE B 331 13.20 16.87 -11.54
CA PHE B 331 13.15 16.79 -10.09
C PHE B 331 13.35 15.36 -9.65
N ILE B 332 12.61 14.44 -10.27
CA ILE B 332 12.86 13.01 -10.08
C ILE B 332 14.33 12.70 -10.34
N HIS B 333 15.00 13.54 -11.12
CA HIS B 333 16.43 13.39 -11.27
C HIS B 333 17.24 14.42 -10.51
N ASN B 334 16.59 15.43 -9.95
CA ASN B 334 17.32 16.48 -9.23
C ASN B 334 18.05 15.91 -8.02
N LYS B 335 17.29 15.42 -7.04
CA LYS B 335 17.89 15.08 -5.76
C LYS B 335 17.79 13.61 -5.42
N LEU B 336 16.76 12.92 -5.89
CA LEU B 336 16.73 11.47 -5.81
C LEU B 336 17.30 10.81 -7.05
N LYS B 337 17.38 11.55 -8.16
CA LYS B 337 18.00 11.08 -9.39
C LYS B 337 17.37 9.77 -9.85
N MET B 338 16.08 9.85 -10.12
CA MET B 338 15.35 8.72 -10.67
C MET B 338 14.77 9.12 -12.02
N GLU B 339 14.49 8.11 -12.83
CA GLU B 339 14.08 8.29 -14.21
C GLU B 339 12.56 8.31 -14.32
N LEU B 340 12.05 8.24 -15.55
CA LEU B 340 10.62 8.21 -15.83
C LEU B 340 10.30 6.82 -16.37
N SER B 341 10.09 5.87 -15.47
CA SER B 341 9.74 4.54 -15.92
C SER B 341 8.52 4.61 -16.82
N GLU B 342 8.67 4.07 -18.03
CA GLU B 342 7.64 4.03 -19.06
C GLU B 342 7.52 5.38 -19.77
N GLU B 343 8.36 6.37 -19.41
CA GLU B 343 8.12 7.73 -19.87
C GLU B 343 6.67 8.02 -19.59
N LYS B 344 6.38 8.19 -18.31
CA LYS B 344 5.39 7.41 -17.61
C LYS B 344 4.12 7.13 -18.38
N THR B 345 3.31 8.16 -18.66
CA THR B 345 1.90 7.87 -18.66
C THR B 345 1.06 8.48 -19.78
N LEU B 346 0.95 7.76 -20.88
CA LEU B 346 -0.34 7.48 -21.52
C LEU B 346 -1.35 8.59 -21.33
N ILE B 347 -1.00 9.82 -21.67
CA ILE B 347 -1.88 10.95 -21.45
C ILE B 347 -3.23 10.69 -22.11
N THR B 348 -4.30 10.83 -21.34
CA THR B 348 -5.67 10.58 -21.77
C THR B 348 -6.02 11.45 -22.96
N HIS B 349 -5.41 12.62 -23.02
CA HIS B 349 -5.48 13.60 -24.10
C HIS B 349 -6.85 14.29 -24.14
N SER B 350 -7.88 13.67 -23.58
CA SER B 350 -8.90 14.37 -22.82
C SER B 350 -9.40 13.53 -21.65
N SER B 351 -9.73 12.29 -21.93
CA SER B 351 -10.56 11.50 -21.05
C SER B 351 -10.08 10.07 -20.94
N GLN B 352 -9.34 9.63 -21.96
CA GLN B 352 -9.04 8.22 -22.16
C GLN B 352 -8.63 7.53 -20.87
N PRO B 353 -9.28 6.44 -20.49
CA PRO B 353 -9.10 5.93 -19.13
C PRO B 353 -7.73 5.34 -18.89
N ALA B 354 -7.07 5.88 -17.87
CA ALA B 354 -5.82 5.37 -17.32
C ALA B 354 -6.15 4.18 -16.43
N ARG B 355 -5.26 3.82 -15.52
CA ARG B 355 -5.67 2.93 -14.44
C ARG B 355 -4.88 3.26 -13.18
N PHE B 356 -5.61 3.35 -12.06
CA PHE B 356 -5.01 3.45 -10.73
C PHE B 356 -5.53 2.31 -9.89
N LEU B 357 -4.60 1.55 -9.30
CA LEU B 357 -4.91 0.67 -8.19
C LEU B 357 -6.03 -0.31 -8.50
N GLY B 358 -6.28 -0.54 -9.78
CA GLY B 358 -7.41 -1.34 -10.18
C GLY B 358 -8.67 -0.56 -10.47
N TYR B 359 -8.56 0.75 -10.66
CA TYR B 359 -9.71 1.58 -11.01
C TYR B 359 -9.21 2.76 -11.83
N ASP B 360 -10.15 3.51 -12.38
CA ASP B 360 -9.79 4.72 -13.11
C ASP B 360 -11.05 5.52 -13.44
N ILE B 361 -10.89 6.53 -14.29
CA ILE B 361 -11.97 7.27 -14.91
C ILE B 361 -11.63 7.50 -16.36
N ARG B 362 -12.63 7.37 -17.22
CA ARG B 362 -12.58 7.96 -18.55
C ARG B 362 -13.53 9.15 -18.50
N VAL B 363 -12.99 10.34 -18.23
CA VAL B 363 -13.81 11.50 -17.91
C VAL B 363 -14.69 11.90 -19.10
N VAL B 375 -24.81 -7.18 -23.71
CA VAL B 375 -23.57 -6.79 -24.37
C VAL B 375 -22.48 -6.51 -23.34
N LYS B 376 -22.79 -6.84 -22.09
CA LYS B 376 -21.80 -6.92 -21.00
C LYS B 376 -21.34 -5.53 -20.54
N LYS B 377 -21.75 -4.51 -21.29
CA LYS B 377 -21.24 -3.16 -21.04
C LYS B 377 -22.36 -2.14 -21.24
N ARG B 378 -22.44 -1.18 -20.32
CA ARG B 378 -23.28 0.00 -20.46
C ARG B 378 -22.89 0.97 -19.35
N THR B 379 -23.03 2.27 -19.61
CA THR B 379 -22.57 3.29 -18.68
C THR B 379 -23.33 4.59 -18.91
N LEU B 380 -23.26 5.49 -17.92
CA LEU B 380 -23.82 6.84 -18.02
C LEU B 380 -22.75 7.85 -17.59
N ASN B 381 -22.73 9.00 -18.25
CA ASN B 381 -21.74 10.03 -17.99
C ASN B 381 -22.37 11.40 -18.29
N GLY B 382 -21.54 12.42 -18.40
CA GLY B 382 -21.99 13.76 -18.71
C GLY B 382 -20.92 14.77 -18.38
N SER B 383 -21.29 15.80 -17.62
CA SER B 383 -20.31 16.70 -17.01
C SER B 383 -19.80 16.16 -15.68
N VAL B 384 -19.95 14.86 -15.45
CA VAL B 384 -19.70 14.23 -14.18
C VAL B 384 -18.50 13.31 -14.28
N GLU B 385 -17.92 12.98 -13.13
CA GLU B 385 -16.81 12.04 -13.03
C GLU B 385 -17.35 10.63 -12.96
N LEU B 386 -16.46 9.68 -12.66
CA LEU B 386 -16.79 8.27 -12.56
C LEU B 386 -15.57 7.48 -12.10
N LEU B 387 -15.80 6.23 -11.74
CA LEU B 387 -14.80 5.39 -11.09
C LEU B 387 -14.94 3.97 -11.60
N ILE B 388 -14.08 3.58 -12.52
CA ILE B 388 -14.26 2.39 -13.36
C ILE B 388 -13.91 1.14 -12.56
N PRO B 389 -14.74 0.07 -12.64
CA PRO B 389 -14.28 -1.27 -12.25
C PRO B 389 -13.70 -2.01 -13.45
N LEU B 390 -12.97 -3.09 -13.24
CA LEU B 390 -12.21 -3.68 -14.33
C LEU B 390 -12.43 -5.19 -14.43
N GLN B 391 -11.73 -5.81 -15.38
CA GLN B 391 -11.83 -7.24 -15.67
C GLN B 391 -10.47 -7.94 -15.73
N ASP B 392 -9.40 -7.21 -16.08
CA ASP B 392 -8.08 -7.85 -16.09
C ASP B 392 -7.69 -8.31 -14.69
N LYS B 393 -8.11 -7.60 -13.65
CA LYS B 393 -7.87 -8.05 -12.29
C LYS B 393 -8.69 -9.30 -11.97
N ILE B 394 -9.64 -9.67 -12.82
CA ILE B 394 -10.37 -10.92 -12.66
C ILE B 394 -10.03 -11.91 -13.76
N ARG B 395 -9.72 -11.40 -14.96
CA ARG B 395 -9.44 -12.25 -16.12
C ARG B 395 -8.37 -13.27 -15.82
N GLN B 396 -7.14 -12.83 -15.56
CA GLN B 396 -6.10 -13.76 -15.15
C GLN B 396 -6.37 -14.31 -13.76
N PHE B 397 -7.17 -13.60 -12.96
CA PHE B 397 -7.57 -14.13 -11.67
C PHE B 397 -8.53 -15.30 -11.88
N ILE B 398 -8.87 -15.56 -13.14
CA ILE B 398 -9.62 -16.74 -13.53
C ILE B 398 -8.71 -17.79 -14.17
N PHE B 399 -7.95 -17.38 -15.18
CA PHE B 399 -7.04 -18.34 -15.82
C PHE B 399 -5.95 -18.82 -14.87
N ASP B 400 -5.88 -18.25 -13.66
CA ASP B 400 -4.95 -18.75 -12.66
C ASP B 400 -5.35 -20.14 -12.18
N LYS B 401 -6.57 -20.25 -11.65
CA LYS B 401 -7.04 -21.47 -11.02
C LYS B 401 -8.01 -22.23 -11.90
N LYS B 402 -7.81 -22.14 -13.23
CA LYS B 402 -8.55 -22.96 -14.18
C LYS B 402 -10.05 -22.67 -14.11
N ILE B 403 -10.39 -21.41 -13.86
CA ILE B 403 -11.72 -21.08 -13.37
C ILE B 403 -12.69 -20.84 -14.53
N ALA B 404 -12.18 -20.64 -15.74
CA ALA B 404 -13.04 -20.50 -16.91
C ALA B 404 -12.17 -20.44 -18.16
N ILE B 405 -12.83 -20.58 -19.31
CA ILE B 405 -12.25 -20.30 -20.61
C ILE B 405 -13.35 -19.65 -21.44
N GLN B 406 -13.20 -18.35 -21.66
CA GLN B 406 -14.25 -17.53 -22.26
C GLN B 406 -14.57 -17.90 -23.70
N LYS B 407 -13.74 -18.72 -24.34
CA LYS B 407 -13.96 -19.15 -25.71
C LYS B 407 -14.78 -20.42 -25.78
N LYS B 408 -15.61 -20.70 -24.77
CA LYS B 408 -16.32 -21.97 -24.74
C LYS B 408 -17.85 -21.82 -24.78
N ASP B 409 -18.44 -20.91 -23.96
CA ASP B 409 -19.90 -20.82 -23.85
C ASP B 409 -20.41 -19.38 -24.09
N SER B 410 -20.42 -19.00 -25.36
CA SER B 410 -21.31 -18.02 -25.99
C SER B 410 -21.16 -16.56 -25.62
N SER B 411 -20.64 -16.22 -24.44
CA SER B 411 -19.70 -15.10 -24.34
C SER B 411 -18.80 -15.25 -23.12
N TRP B 412 -19.35 -15.82 -22.04
CA TRP B 412 -18.68 -15.85 -20.74
C TRP B 412 -19.39 -16.83 -19.83
N PHE B 413 -18.72 -17.91 -19.43
CA PHE B 413 -19.22 -18.85 -18.44
C PHE B 413 -18.08 -19.17 -17.47
N PRO B 414 -18.38 -19.82 -16.34
CA PRO B 414 -17.35 -20.57 -15.61
C PRO B 414 -17.21 -21.99 -16.12
N VAL B 415 -16.65 -22.15 -17.31
CA VAL B 415 -16.76 -23.40 -18.05
C VAL B 415 -16.19 -24.56 -17.24
N HIS B 416 -15.40 -24.26 -16.22
CA HIS B 416 -14.67 -25.28 -15.49
C HIS B 416 -13.90 -24.66 -14.34
N ARG B 417 -13.52 -25.47 -13.37
CA ARG B 417 -12.58 -25.04 -12.34
C ARG B 417 -11.43 -26.04 -12.27
N LYS B 418 -10.54 -25.83 -11.30
CA LYS B 418 -9.32 -26.64 -11.27
C LYS B 418 -9.44 -27.90 -10.42
N TYR B 419 -9.76 -27.78 -9.14
CA TYR B 419 -9.54 -28.89 -8.24
C TYR B 419 -10.59 -29.98 -8.47
N LEU B 420 -10.12 -31.22 -8.45
CA LEU B 420 -10.95 -32.37 -8.76
C LEU B 420 -10.81 -33.42 -7.67
N ILE B 421 -9.57 -33.64 -7.22
CA ILE B 421 -9.26 -34.53 -6.10
C ILE B 421 -8.44 -33.69 -5.13
N ARG B 422 -9.02 -33.35 -3.98
CA ARG B 422 -8.31 -32.53 -3.03
C ARG B 422 -8.92 -32.72 -1.65
N SER B 423 -8.63 -31.80 -0.74
CA SER B 423 -9.00 -31.92 0.65
C SER B 423 -10.48 -31.64 0.82
N THR B 424 -10.91 -31.52 2.07
CA THR B 424 -12.32 -31.44 2.43
C THR B 424 -12.97 -30.23 1.75
N ASP B 425 -14.30 -30.26 1.68
CA ASP B 425 -15.08 -29.42 0.77
C ASP B 425 -15.48 -28.08 1.39
N LEU B 426 -16.16 -28.11 2.54
CA LEU B 426 -16.68 -26.88 3.13
C LEU B 426 -15.59 -25.83 3.28
N GLU B 427 -14.36 -26.27 3.54
CA GLU B 427 -13.23 -25.34 3.56
C GLU B 427 -13.07 -24.68 2.20
N ILE B 428 -13.22 -25.45 1.12
CA ILE B 428 -13.10 -24.87 -0.21
C ILE B 428 -14.24 -23.88 -0.45
N ILE B 429 -15.41 -24.17 0.11
CA ILE B 429 -16.54 -23.25 -0.01
C ILE B 429 -16.23 -21.94 0.68
N THR B 430 -15.81 -22.02 1.95
CA THR B 430 -15.34 -20.85 2.67
C THR B 430 -14.26 -20.12 1.90
N ILE B 431 -13.39 -20.85 1.21
CA ILE B 431 -12.37 -20.23 0.37
C ILE B 431 -13.03 -19.36 -0.69
N TYR B 432 -14.00 -19.93 -1.39
CA TYR B 432 -14.76 -19.16 -2.37
C TYR B 432 -15.30 -17.88 -1.74
N ASN B 433 -16.06 -18.04 -0.66
CA ASN B 433 -16.65 -16.89 0.00
C ASN B 433 -15.58 -15.90 0.42
N SER B 434 -14.38 -16.39 0.72
CA SER B 434 -13.31 -15.52 1.19
C SER B 434 -12.78 -14.65 0.07
N GLU B 435 -12.46 -15.25 -1.07
CA GLU B 435 -12.02 -14.42 -2.18
C GLU B 435 -13.13 -13.47 -2.60
N LEU B 436 -14.39 -13.91 -2.49
CA LEU B 436 -15.50 -13.01 -2.79
C LEU B 436 -15.50 -11.81 -1.86
N ARG B 437 -15.45 -12.06 -0.55
CA ARG B 437 -15.27 -11.01 0.45
C ARG B 437 -14.19 -10.05 0.01
N GLY B 438 -12.99 -10.57 -0.23
CA GLY B 438 -11.91 -9.73 -0.72
C GLY B 438 -12.35 -8.86 -1.87
N ILE B 439 -12.91 -9.46 -2.90
CA ILE B 439 -13.44 -8.77 -4.07
C ILE B 439 -14.28 -7.58 -3.63
N CYS B 440 -15.22 -7.83 -2.73
CA CYS B 440 -16.08 -6.75 -2.25
C CYS B 440 -15.26 -5.60 -1.69
N ASN B 441 -14.47 -5.86 -0.65
CA ASN B 441 -13.63 -4.81 -0.10
C ASN B 441 -12.65 -4.30 -1.15
N TYR B 442 -12.09 -5.22 -1.95
CA TYR B 442 -11.14 -4.80 -2.98
C TYR B 442 -11.86 -4.10 -4.14
N TYR B 443 -13.17 -3.91 -4.00
CA TYR B 443 -13.92 -3.10 -4.97
C TYR B 443 -14.87 -2.20 -4.20
N GLY B 444 -14.39 -1.01 -3.89
CA GLY B 444 -15.24 0.00 -3.30
C GLY B 444 -16.06 0.69 -4.36
N LEU B 445 -16.17 2.01 -4.28
CA LEU B 445 -17.13 2.74 -5.11
C LEU B 445 -16.64 2.70 -6.56
N ALA B 446 -16.88 1.57 -7.20
CA ALA B 446 -16.75 1.47 -8.64
C ALA B 446 -18.12 1.04 -9.17
N SER B 447 -18.40 1.40 -10.41
CA SER B 447 -19.73 1.17 -10.95
C SER B 447 -19.91 -0.29 -11.34
N ASN B 448 -20.98 -0.58 -12.08
CA ASN B 448 -21.20 -1.89 -12.67
C ASN B 448 -21.12 -2.99 -11.61
N PHE B 449 -22.06 -2.95 -10.68
CA PHE B 449 -22.33 -4.13 -9.88
C PHE B 449 -22.61 -5.33 -10.77
N ASN B 450 -23.13 -5.10 -11.97
CA ASN B 450 -23.54 -6.20 -12.83
C ASN B 450 -22.35 -6.99 -13.35
N GLN B 451 -21.18 -6.37 -13.50
CA GLN B 451 -20.02 -7.17 -13.84
C GLN B 451 -19.56 -7.98 -12.64
N LEU B 452 -19.77 -7.45 -11.45
CA LEU B 452 -19.39 -8.17 -10.23
C LEU B 452 -20.19 -9.46 -10.13
N ASN B 453 -21.52 -9.34 -10.07
CA ASN B 453 -22.35 -10.53 -10.06
C ASN B 453 -22.27 -11.31 -11.37
N TYR B 454 -21.84 -10.68 -12.46
CA TYR B 454 -21.61 -11.42 -13.68
C TYR B 454 -20.46 -12.40 -13.49
N PHE B 455 -19.33 -11.92 -12.99
CA PHE B 455 -18.27 -12.81 -12.59
C PHE B 455 -18.77 -13.82 -11.55
N ALA B 456 -19.69 -13.40 -10.69
CA ALA B 456 -20.22 -14.35 -9.72
C ALA B 456 -20.88 -15.53 -10.42
N TYR B 457 -21.69 -15.26 -11.44
CA TYR B 457 -22.10 -16.29 -12.38
C TYR B 457 -20.88 -17.05 -12.86
N LEU B 458 -19.87 -16.30 -13.32
CA LEU B 458 -18.67 -16.89 -13.89
C LEU B 458 -17.85 -17.64 -12.85
N MET B 459 -18.37 -17.72 -11.63
CA MET B 459 -17.71 -18.40 -10.54
C MET B 459 -18.52 -19.57 -10.02
N GLU B 460 -19.84 -19.49 -10.16
CA GLU B 460 -20.72 -20.49 -9.58
C GLU B 460 -20.39 -21.86 -10.15
N TYR B 461 -20.69 -22.08 -11.44
CA TYR B 461 -20.55 -23.40 -12.03
C TYR B 461 -19.17 -23.99 -11.73
N SER B 462 -18.15 -23.14 -11.72
CA SER B 462 -16.80 -23.60 -11.44
C SER B 462 -16.67 -24.13 -10.01
N CYS B 463 -17.01 -23.30 -9.02
CA CYS B 463 -16.87 -23.76 -7.64
C CYS B 463 -17.73 -24.98 -7.38
N LEU B 464 -18.92 -25.01 -7.97
CA LEU B 464 -19.78 -26.18 -7.81
C LEU B 464 -19.18 -27.41 -8.46
N LYS B 465 -18.50 -27.22 -9.60
CA LYS B 465 -17.75 -28.32 -10.19
C LYS B 465 -16.77 -28.88 -9.19
N THR B 466 -15.97 -28.00 -8.59
CA THR B 466 -14.97 -28.47 -7.63
C THR B 466 -15.61 -29.21 -6.47
N ILE B 467 -16.72 -28.69 -5.97
CA ILE B 467 -17.44 -29.37 -4.89
C ILE B 467 -17.76 -30.79 -5.34
N ALA B 468 -18.46 -30.90 -6.47
CA ALA B 468 -18.85 -32.21 -6.96
C ALA B 468 -17.66 -33.13 -7.15
N SER B 469 -16.52 -32.57 -7.57
CA SER B 469 -15.41 -33.37 -8.03
C SER B 469 -14.88 -34.30 -6.94
N LYS B 470 -15.05 -33.95 -5.67
CA LYS B 470 -14.66 -34.85 -4.60
C LYS B 470 -15.49 -36.12 -4.63
N HIS B 471 -16.78 -36.00 -4.94
CA HIS B 471 -17.60 -37.19 -5.14
C HIS B 471 -17.09 -38.05 -6.26
N LYS B 472 -16.45 -37.44 -7.27
CA LYS B 472 -15.94 -38.15 -8.44
C LYS B 472 -17.07 -38.92 -9.13
N GLY B 473 -18.04 -38.16 -9.62
CA GLY B 473 -19.21 -38.77 -10.23
C GLY B 473 -19.27 -38.64 -11.73
N THR B 474 -20.47 -38.38 -12.24
CA THR B 474 -20.77 -38.31 -13.67
C THR B 474 -20.94 -36.87 -14.15
N LEU B 475 -20.11 -35.96 -13.63
CA LEU B 475 -20.36 -34.53 -13.68
C LEU B 475 -21.67 -34.24 -12.94
N SER B 476 -21.84 -34.93 -11.81
CA SER B 476 -23.10 -34.96 -11.09
C SER B 476 -23.23 -33.70 -10.26
N LYS B 477 -22.54 -32.65 -10.70
CA LYS B 477 -22.59 -31.33 -10.09
C LYS B 477 -24.01 -30.91 -9.74
N THR B 478 -25.02 -31.36 -10.49
CA THR B 478 -26.39 -31.02 -10.16
C THR B 478 -26.75 -31.50 -8.76
N ILE B 479 -26.79 -32.83 -8.56
CA ILE B 479 -27.13 -33.39 -7.26
C ILE B 479 -26.10 -32.95 -6.22
N SER B 480 -24.84 -32.85 -6.62
CA SER B 480 -23.79 -32.44 -5.69
C SER B 480 -24.09 -31.07 -5.11
N MET B 481 -24.15 -30.05 -5.97
CA MET B 481 -24.56 -28.72 -5.57
C MET B 481 -25.89 -28.73 -4.83
N PHE B 482 -26.78 -29.68 -5.10
CA PHE B 482 -27.99 -29.77 -4.30
C PHE B 482 -27.68 -30.25 -2.89
N LYS B 483 -26.57 -30.97 -2.69
CA LYS B 483 -26.19 -31.37 -1.34
C LYS B 483 -25.69 -30.21 -0.50
N ASP B 484 -25.73 -28.98 -1.01
CA ASP B 484 -25.25 -27.81 -0.29
C ASP B 484 -25.80 -26.58 -0.99
N GLY B 485 -25.22 -25.43 -0.69
CA GLY B 485 -25.30 -24.27 -1.56
C GLY B 485 -26.22 -23.19 -1.02
N SER B 486 -25.64 -22.01 -0.85
CA SER B 486 -26.41 -20.78 -0.66
C SER B 486 -27.15 -20.38 -1.93
N GLY B 487 -26.86 -21.00 -3.06
CA GLY B 487 -27.51 -20.70 -4.31
C GLY B 487 -28.35 -21.85 -4.83
N SER B 488 -28.12 -23.05 -4.31
CA SER B 488 -28.96 -24.19 -4.61
C SER B 488 -30.26 -24.21 -3.84
N TRP B 489 -30.38 -23.40 -2.79
CA TRP B 489 -31.58 -23.31 -1.96
C TRP B 489 -31.93 -24.69 -1.39
N GLY B 490 -31.01 -25.23 -0.59
CA GLY B 490 -31.20 -26.55 0.05
C GLY B 490 -31.65 -26.36 1.50
N ILE B 520 -20.72 -27.89 7.06
CA ILE B 520 -22.15 -27.95 7.29
C ILE B 520 -22.86 -28.44 6.04
N SER B 521 -22.08 -28.88 5.05
CA SER B 521 -22.59 -29.36 3.77
C SER B 521 -23.55 -28.33 3.17
N GLN B 522 -23.18 -27.07 3.25
CA GLN B 522 -24.03 -25.99 2.76
C GLN B 522 -23.22 -24.72 2.59
N ALA B 523 -23.22 -24.19 1.37
CA ALA B 523 -22.51 -22.94 1.15
C ALA B 523 -23.18 -21.84 1.96
N PRO B 524 -22.45 -21.17 2.86
CA PRO B 524 -23.04 -20.03 3.57
C PRO B 524 -23.31 -18.85 2.67
N VAL B 525 -22.39 -18.52 1.76
CA VAL B 525 -22.56 -17.41 0.83
C VAL B 525 -21.86 -17.72 -0.48
N LEU B 526 -22.61 -17.73 -1.57
CA LEU B 526 -22.03 -17.64 -2.89
C LEU B 526 -22.33 -16.32 -3.58
N TYR B 527 -23.39 -15.63 -3.17
CA TYR B 527 -23.66 -14.28 -3.66
C TYR B 527 -24.06 -13.30 -2.58
N GLY B 528 -24.56 -13.75 -1.43
CA GLY B 528 -25.17 -12.87 -0.45
C GLY B 528 -24.26 -11.79 0.09
N TYR B 529 -23.22 -12.19 0.82
CA TYR B 529 -22.22 -11.24 1.29
C TYR B 529 -21.61 -10.45 0.14
N ALA B 530 -21.52 -11.05 -1.05
CA ALA B 530 -21.07 -10.30 -2.21
C ALA B 530 -21.93 -9.07 -2.42
N ARG B 531 -23.24 -9.28 -2.55
CA ARG B 531 -24.16 -8.15 -2.67
C ARG B 531 -24.01 -7.20 -1.49
N ASN B 532 -24.00 -7.78 -0.28
CA ASN B 532 -24.00 -6.99 0.94
C ASN B 532 -22.84 -6.01 0.98
N THR B 533 -21.63 -6.49 0.71
CA THR B 533 -20.44 -5.66 0.88
C THR B 533 -20.08 -4.89 -0.38
N LEU B 534 -20.49 -5.37 -1.55
CA LEU B 534 -20.39 -4.52 -2.73
C LEU B 534 -21.52 -3.49 -2.80
N GLU B 535 -22.38 -3.44 -1.78
CA GLU B 535 -23.19 -2.24 -1.57
C GLU B 535 -22.74 -1.41 -0.38
N ASN B 536 -22.50 -2.03 0.78
CA ASN B 536 -22.07 -1.29 1.95
C ASN B 536 -20.61 -0.87 1.81
N ARG B 537 -20.29 0.31 2.35
CA ARG B 537 -18.98 0.93 2.21
C ARG B 537 -18.61 1.12 0.74
N LEU B 538 -19.56 0.87 -0.16
CA LEU B 538 -19.34 1.06 -1.59
C LEU B 538 -20.21 2.17 -2.16
N LYS B 539 -21.53 2.08 -2.01
CA LYS B 539 -22.44 3.07 -2.57
C LYS B 539 -22.39 4.39 -1.82
N ALA B 540 -21.52 4.50 -0.81
CA ALA B 540 -21.35 5.74 -0.07
C ALA B 540 -19.96 5.80 0.55
#